data_6DUS
#
_entry.id   6DUS
#
_cell.length_a   96.490
_cell.length_b   107.120
_cell.length_c   74.730
_cell.angle_alpha   90.00
_cell.angle_beta   90.00
_cell.angle_gamma   90.00
#
_symmetry.space_group_name_H-M   'P 21 21 2'
#
loop_
_entity.id
_entity.type
_entity.pdbx_description
1 polymer 'Type III secretion system effector protein'
2 non-polymer "URIDINE-5'-DIPHOSPHATE"
3 non-polymer 2-acetamido-2-deoxy-beta-D-glucopyranose
4 non-polymer 'MAGNESIUM ION'
5 non-polymer 2-AMINO-2-HYDROXYMETHYL-PROPANE-1,3-DIOL
6 non-polymer (4S)-2-METHYL-2,4-PENTANEDIOL
7 water water
#
_entity_poly.entity_id   1
_entity_poly.type   'polypeptide(L)'
_entity_poly.pdbx_seq_one_letter_code
;SSGSANFAGVEYPLLPLDQHTPLLFQWFERNPSRFGENQIPIINTQQNPYLNNIINAAIIEKERTIGVLVDGNFSAGQKK
ALAKLEKQYENIKVIYNSDLDYSMYDKKLSDIYLENIAKIEAQPANVRDEYLLGEIKKSLNEVLKNNPEESLVSSHDKRL
GHVRFDFYRNLFLLKGSNAFLEAGKHGCHHLQPGGGCIYLDADMLLTGKLGTLYLPDGIAVHVSRKGNSMSLQNGIIAVN
RSEHPALKKGLEIMHSKPYGDPYIDGVCGGLRHYFNCSIRHNYEEFCNFIEFKHEHIFMDTSSLTISSWR
;
_entity_poly.pdbx_strand_id   A,B
#
# COMPACT_ATOMS: atom_id res chain seq x y z
N SER A 1 9.18 8.17 36.48
CA SER A 1 7.81 7.85 36.10
C SER A 1 6.85 8.96 36.51
N SER A 2 5.82 9.18 35.69
CA SER A 2 4.82 10.21 35.95
C SER A 2 3.49 9.52 36.15
N GLY A 3 2.58 9.57 35.18
CA GLY A 3 1.30 8.91 35.29
C GLY A 3 1.29 7.53 34.68
N SER A 4 0.17 7.16 34.06
CA SER A 4 0.03 5.85 33.45
C SER A 4 -1.11 5.88 32.44
N ALA A 5 -1.08 4.92 31.52
CA ALA A 5 -2.09 4.76 30.49
C ALA A 5 -2.52 3.30 30.39
N ASN A 6 -3.82 3.06 30.21
CA ASN A 6 -4.36 1.72 30.14
C ASN A 6 -4.52 1.28 28.69
N PHE A 7 -4.18 0.03 28.41
CA PHE A 7 -4.56 -0.55 27.14
C PHE A 7 -4.66 -2.07 27.27
N ALA A 8 -5.74 -2.62 26.72
CA ALA A 8 -5.96 -4.07 26.66
C ALA A 8 -5.83 -4.71 28.04
N GLY A 9 -6.35 -4.02 29.05
CA GLY A 9 -6.36 -4.57 30.39
C GLY A 9 -5.04 -4.47 31.13
N VAL A 10 -4.04 -3.78 30.58
CA VAL A 10 -2.76 -3.63 31.26
C VAL A 10 -2.53 -2.14 31.51
N GLU A 11 -1.96 -1.84 32.68
CA GLU A 11 -1.61 -0.49 33.08
C GLU A 11 -0.13 -0.27 32.78
N TYR A 12 0.18 0.77 31.99
CA TYR A 12 1.55 1.05 31.63
C TYR A 12 1.99 2.36 32.22
N PRO A 13 3.09 2.38 32.98
CA PRO A 13 3.63 3.66 33.45
C PRO A 13 4.15 4.49 32.29
N LEU A 14 3.95 5.79 32.39
CA LEU A 14 4.56 6.69 31.41
C LEU A 14 5.98 6.93 31.89
N LEU A 15 6.92 6.24 31.26
CA LEU A 15 8.34 6.26 31.59
C LEU A 15 9.01 7.48 30.96
N PRO A 16 10.00 8.08 31.63
CA PRO A 16 10.63 9.29 31.12
C PRO A 16 11.79 9.04 30.18
N LEU A 17 11.87 9.91 29.17
CA LEU A 17 13.00 10.05 28.28
C LEU A 17 13.55 11.44 28.52
N ASP A 18 14.68 11.52 29.22
CA ASP A 18 15.19 12.83 29.57
C ASP A 18 15.72 13.55 28.33
N GLN A 19 15.95 14.85 28.50
CA GLN A 19 16.45 15.73 27.44
C GLN A 19 17.85 15.39 26.94
N HIS A 20 18.57 14.51 27.60
CA HIS A 20 19.87 14.07 27.09
C HIS A 20 19.75 12.86 26.18
N THR A 21 18.54 12.34 25.98
CA THR A 21 18.32 11.26 25.03
C THR A 21 18.64 11.74 23.62
N PRO A 22 19.50 11.05 22.88
CA PRO A 22 19.91 11.56 21.56
C PRO A 22 18.79 11.47 20.54
N LEU A 23 18.81 12.42 19.62
CA LEU A 23 17.97 12.40 18.43
C LEU A 23 18.65 11.59 17.34
N LEU A 24 17.85 11.06 16.42
CA LEU A 24 18.38 10.22 15.34
C LEU A 24 17.67 10.54 14.04
N PHE A 25 18.44 10.92 13.03
CA PHE A 25 17.98 11.03 11.65
C PHE A 25 18.71 9.99 10.80
N GLN A 26 18.14 9.70 9.63
CA GLN A 26 18.69 8.66 8.78
C GLN A 26 18.65 9.11 7.32
N TRP A 27 19.79 8.95 6.63
CA TRP A 27 19.83 9.16 5.18
C TRP A 27 20.61 8.04 4.53
N PHE A 28 19.91 7.20 3.77
CA PHE A 28 20.51 6.15 2.97
C PHE A 28 20.35 6.56 1.51
N GLU A 29 21.47 6.77 0.82
CA GLU A 29 21.46 7.38 -0.51
C GLU A 29 21.72 6.32 -1.56
N ARG A 30 20.75 6.15 -2.47
CA ARG A 30 20.91 5.20 -3.57
C ARG A 30 21.79 5.78 -4.67
N ASN A 31 21.72 7.10 -4.88
CA ASN A 31 22.40 7.76 -6.00
C ASN A 31 23.24 8.90 -5.46
N PRO A 32 24.42 8.60 -4.91
CA PRO A 32 25.30 9.66 -4.41
C PRO A 32 25.80 10.60 -5.50
N SER A 33 25.66 10.23 -6.78
CA SER A 33 26.12 11.11 -7.85
C SER A 33 25.24 12.33 -8.04
N ARG A 34 24.06 12.37 -7.43
CA ARG A 34 23.23 13.56 -7.52
C ARG A 34 23.69 14.67 -6.58
N PHE A 35 24.78 14.47 -5.85
CA PHE A 35 25.42 15.52 -5.07
C PHE A 35 26.81 15.80 -5.61
N GLY A 36 27.28 17.02 -5.37
CA GLY A 36 28.64 17.37 -5.74
C GLY A 36 29.67 16.51 -5.05
N GLU A 37 30.85 16.45 -5.66
CA GLU A 37 31.91 15.59 -5.14
C GLU A 37 32.36 16.02 -3.74
N ASN A 38 32.17 17.30 -3.42
CA ASN A 38 32.49 17.82 -2.09
C ASN A 38 31.24 18.34 -1.39
N GLN A 39 30.08 17.80 -1.76
CA GLN A 39 28.80 18.16 -1.18
C GLN A 39 28.44 17.18 -0.06
N ILE A 40 27.74 17.69 0.95
CA ILE A 40 27.15 16.82 1.96
C ILE A 40 26.10 15.96 1.25
N PRO A 41 26.23 14.63 1.24
CA PRO A 41 25.35 13.77 0.44
C PRO A 41 24.01 13.45 1.12
N ILE A 42 23.32 14.51 1.57
CA ILE A 42 21.98 14.41 2.13
C ILE A 42 21.10 15.38 1.38
N ILE A 43 19.91 14.92 0.97
CA ILE A 43 19.03 15.77 0.16
C ILE A 43 18.75 17.09 0.87
N ASN A 44 18.71 18.16 0.10
CA ASN A 44 18.50 19.50 0.64
C ASN A 44 17.89 20.40 -0.43
N THR A 45 16.84 19.91 -1.10
CA THR A 45 16.11 20.67 -2.09
C THR A 45 15.05 21.54 -1.43
N GLN A 46 14.42 22.38 -2.25
CA GLN A 46 13.34 23.22 -1.73
C GLN A 46 12.17 22.38 -1.25
N GLN A 47 11.85 21.29 -1.96
CA GLN A 47 10.76 20.41 -1.54
C GLN A 47 11.15 19.50 -0.37
N ASN A 48 12.44 19.17 -0.25
CA ASN A 48 12.91 18.27 0.81
C ASN A 48 14.20 18.85 1.40
N PRO A 49 14.08 19.89 2.23
CA PRO A 49 15.27 20.54 2.82
C PRO A 49 15.80 19.79 4.03
N TYR A 50 16.13 18.51 3.81
CA TYR A 50 16.32 17.61 4.94
C TYR A 50 17.62 17.90 5.68
N LEU A 51 18.71 18.21 4.96
CA LEU A 51 19.92 18.66 5.64
C LEU A 51 19.66 19.91 6.46
N ASN A 52 18.92 20.87 5.89
CA ASN A 52 18.55 22.07 6.64
C ASN A 52 17.72 21.73 7.87
N ASN A 53 16.77 20.80 7.73
CA ASN A 53 15.95 20.41 8.88
C ASN A 53 16.81 19.78 9.99
N ILE A 54 17.73 18.91 9.60
CA ILE A 54 18.62 18.27 10.59
C ILE A 54 19.45 19.32 11.31
N ILE A 55 20.02 20.28 10.55
CA ILE A 55 20.83 21.31 11.16
C ILE A 55 19.99 22.18 12.09
N ASN A 56 18.75 22.46 11.69
CA ASN A 56 17.86 23.26 12.54
C ASN A 56 17.55 22.53 13.84
N ALA A 57 17.36 21.20 13.76
CA ALA A 57 17.14 20.42 14.97
C ALA A 57 18.38 20.42 15.86
N ALA A 58 19.56 20.35 15.25
CA ALA A 58 20.79 20.37 16.05
C ALA A 58 20.99 21.74 16.71
N ILE A 59 20.56 22.81 16.05
CA ILE A 59 20.67 24.14 16.65
C ILE A 59 19.65 24.31 17.77
N ILE A 60 18.42 23.82 17.58
CA ILE A 60 17.41 23.92 18.62
C ILE A 60 17.78 23.06 19.82
N GLU A 61 18.25 21.84 19.57
CA GLU A 61 18.64 20.94 20.67
C GLU A 61 20.15 20.96 20.83
N LYS A 62 20.66 22.12 21.26
CA LYS A 62 22.10 22.34 21.32
C LYS A 62 22.77 21.48 22.38
N GLU A 63 22.03 21.06 23.42
CA GLU A 63 22.59 20.25 24.49
C GLU A 63 22.19 18.79 24.37
N ARG A 64 22.05 18.30 23.14
CA ARG A 64 21.59 16.95 22.87
C ARG A 64 22.36 16.39 21.69
N THR A 65 22.86 15.16 21.83
CA THR A 65 23.54 14.50 20.71
C THR A 65 22.55 14.27 19.58
N ILE A 66 22.97 14.57 18.36
CA ILE A 66 22.14 14.43 17.18
C ILE A 66 22.87 13.47 16.25
N GLY A 67 22.36 12.24 16.15
CA GLY A 67 22.99 11.24 15.31
C GLY A 67 22.39 11.26 13.92
N VAL A 68 23.26 11.15 12.92
CA VAL A 68 22.87 11.06 11.52
C VAL A 68 23.40 9.74 11.01
N LEU A 69 22.53 8.75 10.86
CA LEU A 69 22.91 7.44 10.34
C LEU A 69 22.85 7.51 8.82
N VAL A 70 24.00 7.39 8.16
CA VAL A 70 24.07 7.56 6.72
C VAL A 70 24.54 6.24 6.10
N ASP A 71 24.17 6.07 4.83
CA ASP A 71 24.69 4.93 4.08
C ASP A 71 24.64 5.23 2.60
N GLY A 72 25.53 4.59 1.85
CA GLY A 72 25.64 4.76 0.42
C GLY A 72 27.09 4.83 0.00
N ASN A 73 27.33 4.57 -1.29
CA ASN A 73 28.68 4.57 -1.85
C ASN A 73 29.12 6.02 -2.05
N PHE A 74 29.54 6.63 -0.96
CA PHE A 74 29.94 8.03 -0.97
C PHE A 74 31.36 8.19 -1.47
N SER A 75 31.59 9.28 -2.21
CA SER A 75 32.94 9.63 -2.63
C SER A 75 33.74 10.16 -1.44
N ALA A 76 35.06 10.18 -1.61
CA ALA A 76 35.94 10.66 -0.54
C ALA A 76 35.59 12.08 -0.14
N GLY A 77 35.36 12.96 -1.13
CA GLY A 77 35.00 14.34 -0.80
C GLY A 77 33.68 14.46 -0.08
N GLN A 78 32.72 13.58 -0.39
CA GLN A 78 31.45 13.60 0.33
C GLN A 78 31.63 13.21 1.79
N LYS A 79 32.49 12.21 2.07
CA LYS A 79 32.78 11.86 3.45
C LYS A 79 33.50 12.99 4.17
N LYS A 80 34.41 13.69 3.49
CA LYS A 80 35.05 14.84 4.10
C LYS A 80 34.04 15.94 4.40
N ALA A 81 33.06 16.13 3.52
CA ALA A 81 31.98 17.09 3.79
C ALA A 81 31.19 16.69 5.04
N LEU A 82 30.91 15.39 5.20
CA LEU A 82 30.21 14.95 6.40
C LEU A 82 31.05 15.21 7.66
N ALA A 83 32.36 14.99 7.57
CA ALA A 83 33.22 15.29 8.71
C ALA A 83 33.24 16.79 9.00
N LYS A 84 33.20 17.61 7.95
CA LYS A 84 33.13 19.05 8.17
C LYS A 84 31.83 19.43 8.86
N LEU A 85 30.74 18.75 8.51
CA LEU A 85 29.47 19.01 9.19
C LEU A 85 29.55 18.62 10.65
N GLU A 86 30.19 17.48 10.94
CA GLU A 86 30.40 17.07 12.32
C GLU A 86 31.22 18.10 13.10
N LYS A 87 32.11 18.83 12.42
CA LYS A 87 32.92 19.82 13.11
C LYS A 87 32.22 21.17 13.24
N GLN A 88 31.36 21.52 12.29
CA GLN A 88 30.63 22.79 12.38
C GLN A 88 29.55 22.75 13.44
N TYR A 89 29.01 21.57 13.74
CA TYR A 89 27.98 21.41 14.76
C TYR A 89 28.45 20.32 15.71
N GLU A 90 28.87 20.72 16.92
CA GLU A 90 29.48 19.79 17.86
C GLU A 90 28.57 18.59 18.15
N ASN A 91 27.27 18.84 18.33
CA ASN A 91 26.37 17.77 18.75
C ASN A 91 25.97 16.84 17.62
N ILE A 92 26.35 17.12 16.37
CA ILE A 92 26.02 16.26 15.25
C ILE A 92 27.10 15.19 15.14
N LYS A 93 26.69 13.92 15.19
CA LYS A 93 27.57 12.78 15.07
C LYS A 93 27.12 11.97 13.86
N VAL A 94 27.99 11.84 12.88
CA VAL A 94 27.69 11.09 11.66
C VAL A 94 28.13 9.65 11.88
N ILE A 95 27.20 8.71 11.74
CA ILE A 95 27.49 7.29 11.90
C ILE A 95 27.27 6.63 10.55
N TYR A 96 28.32 5.99 10.03
CA TYR A 96 28.18 5.19 8.82
C TYR A 96 27.64 3.81 9.18
N ASN A 97 26.56 3.41 8.50
CA ASN A 97 25.92 2.13 8.80
C ASN A 97 26.88 0.95 8.67
N SER A 98 27.84 1.03 7.74
CA SER A 98 28.79 -0.06 7.55
C SER A 98 29.79 -0.18 8.69
N ASP A 99 29.87 0.81 9.58
CA ASP A 99 30.74 0.75 10.75
C ASP A 99 30.08 0.06 11.94
N LEU A 100 28.80 -0.28 11.84
CA LEU A 100 28.11 -0.98 12.92
C LEU A 100 28.02 -2.45 12.59
N ASP A 101 28.20 -3.30 13.60
CA ASP A 101 28.11 -4.73 13.45
C ASP A 101 26.70 -5.17 13.84
N TYR A 102 25.96 -5.71 12.87
CA TYR A 102 24.58 -6.14 13.08
C TYR A 102 24.45 -7.65 13.11
N SER A 103 25.57 -8.39 13.19
CA SER A 103 25.50 -9.84 13.07
C SER A 103 24.74 -10.48 14.23
N MET A 104 24.75 -9.84 15.40
CA MET A 104 24.07 -10.40 16.56
C MET A 104 22.55 -10.42 16.39
N TYR A 105 22.01 -9.70 15.42
CA TYR A 105 20.59 -9.69 15.13
C TYR A 105 20.23 -10.54 13.92
N ASP A 106 21.20 -11.22 13.32
CA ASP A 106 21.02 -11.89 12.05
C ASP A 106 20.48 -13.32 12.25
N LYS A 107 20.03 -13.91 11.14
CA LYS A 107 19.58 -15.30 11.15
C LYS A 107 19.60 -15.84 9.73
N LYS A 108 19.94 -17.11 9.60
CA LYS A 108 20.02 -17.74 8.29
C LYS A 108 18.62 -17.91 7.70
N LEU A 109 18.49 -17.58 6.41
CA LEU A 109 17.18 -17.71 5.76
C LEU A 109 16.76 -19.17 5.70
N SER A 110 17.70 -20.08 5.42
CA SER A 110 17.38 -21.49 5.39
C SER A 110 16.89 -21.98 6.75
N ASP A 111 17.43 -21.42 7.85
CA ASP A 111 16.95 -21.79 9.18
C ASP A 111 15.50 -21.38 9.38
N ILE A 112 15.16 -20.15 8.98
CA ILE A 112 13.78 -19.68 9.08
C ILE A 112 12.85 -20.59 8.28
N TYR A 113 13.25 -20.90 7.04
CA TYR A 113 12.41 -21.74 6.18
C TYR A 113 12.23 -23.13 6.77
N LEU A 114 13.32 -23.75 7.25
CA LEU A 114 13.23 -25.09 7.81
C LEU A 114 12.35 -25.11 9.06
N GLU A 115 12.51 -24.11 9.93
CA GLU A 115 11.69 -24.05 11.13
C GLU A 115 10.22 -23.89 10.76
N ASN A 116 9.93 -23.07 9.76
CA ASN A 116 8.54 -22.87 9.35
C ASN A 116 7.97 -24.14 8.74
N ILE A 117 8.77 -24.88 7.98
CA ILE A 117 8.28 -26.13 7.41
C ILE A 117 7.98 -27.14 8.51
N ALA A 118 8.86 -27.19 9.51
CA ALA A 118 8.62 -28.06 10.65
C ALA A 118 7.34 -27.67 11.39
N LYS A 119 7.12 -26.37 11.59
CA LYS A 119 5.99 -25.92 12.38
C LYS A 119 4.68 -26.00 11.60
N ILE A 120 4.73 -26.00 10.28
CA ILE A 120 3.52 -26.30 9.50
C ILE A 120 3.25 -27.79 9.49
N GLU A 121 4.32 -28.61 9.48
CA GLU A 121 4.11 -30.05 9.54
C GLU A 121 3.70 -30.54 10.92
N ALA A 122 3.97 -29.76 11.98
CA ALA A 122 3.59 -30.16 13.32
C ALA A 122 2.13 -29.89 13.64
N GLN A 123 1.37 -29.35 12.71
CA GLN A 123 -0.02 -29.04 13.00
C GLN A 123 -0.95 -29.95 12.22
N PRO A 124 -2.16 -30.21 12.74
CA PRO A 124 -3.06 -31.17 12.09
C PRO A 124 -3.27 -30.86 10.62
N ALA A 125 -3.32 -31.92 9.80
CA ALA A 125 -3.37 -31.77 8.36
C ALA A 125 -4.57 -30.95 7.88
N ASN A 126 -5.64 -30.87 8.67
CA ASN A 126 -6.82 -30.14 8.22
C ASN A 126 -6.71 -28.64 8.40
N VAL A 127 -5.62 -28.14 8.99
CA VAL A 127 -5.44 -26.71 9.20
C VAL A 127 -4.09 -26.21 8.71
N ARG A 128 -3.27 -27.05 8.08
CA ARG A 128 -1.99 -26.60 7.56
C ARG A 128 -2.19 -25.57 6.46
N ASP A 129 -1.38 -24.53 6.49
CA ASP A 129 -1.32 -23.60 5.36
C ASP A 129 -0.43 -24.25 4.31
N GLU A 130 -1.07 -24.89 3.33
CA GLU A 130 -0.31 -25.65 2.33
C GLU A 130 0.24 -24.74 1.24
N TYR A 131 -0.51 -23.71 0.87
CA TYR A 131 0.00 -22.74 -0.09
C TYR A 131 1.27 -22.08 0.42
N LEU A 132 1.24 -21.63 1.68
CA LEU A 132 2.43 -21.07 2.31
C LEU A 132 3.54 -22.09 2.39
N LEU A 133 3.22 -23.35 2.69
CA LEU A 133 4.24 -24.39 2.73
C LEU A 133 4.94 -24.48 1.37
N GLY A 134 4.16 -24.48 0.31
CA GLY A 134 4.75 -24.53 -1.02
C GLY A 134 5.61 -23.33 -1.32
N GLU A 135 5.14 -22.13 -0.96
CA GLU A 135 5.92 -20.93 -1.25
C GLU A 135 7.23 -20.91 -0.46
N ILE A 136 7.19 -21.36 0.79
CA ILE A 136 8.42 -21.44 1.59
C ILE A 136 9.37 -22.44 0.98
N LYS A 137 8.86 -23.54 0.45
CA LYS A 137 9.74 -24.53 -0.15
C LYS A 137 10.37 -24.02 -1.45
N LYS A 138 9.64 -23.20 -2.22
CA LYS A 138 10.27 -22.59 -3.39
C LYS A 138 11.31 -21.55 -2.99
N SER A 139 11.02 -20.77 -1.95
CA SER A 139 11.98 -19.78 -1.48
C SER A 139 13.27 -20.44 -1.00
N LEU A 140 13.15 -21.55 -0.26
CA LEU A 140 14.32 -22.28 0.18
C LEU A 140 15.09 -22.87 -1.00
N ASN A 141 14.37 -23.42 -1.98
CA ASN A 141 15.03 -23.94 -3.18
C ASN A 141 15.85 -22.84 -3.86
N GLU A 142 15.26 -21.67 -4.06
CA GLU A 142 15.98 -20.58 -4.70
C GLU A 142 17.17 -20.13 -3.87
N VAL A 143 17.04 -20.13 -2.54
CA VAL A 143 18.17 -19.77 -1.69
C VAL A 143 19.30 -20.76 -1.87
N LEU A 144 18.97 -22.06 -1.94
CA LEU A 144 20.00 -23.07 -2.16
C LEU A 144 20.60 -22.96 -3.57
N LYS A 145 19.85 -22.43 -4.53
CA LYS A 145 20.40 -22.28 -5.88
C LYS A 145 21.32 -21.07 -5.98
N ASN A 146 21.03 -19.99 -5.25
CA ASN A 146 21.76 -18.74 -5.47
C ASN A 146 22.73 -18.36 -4.37
N ASN A 147 22.39 -18.57 -3.10
CA ASN A 147 23.31 -18.30 -2.00
C ASN A 147 22.84 -19.04 -0.76
N PRO A 148 23.36 -20.24 -0.49
CA PRO A 148 22.88 -21.01 0.67
C PRO A 148 23.05 -20.28 1.99
N GLU A 149 24.03 -19.39 2.10
CA GLU A 149 24.30 -18.68 3.35
C GLU A 149 23.47 -17.41 3.51
N GLU A 150 22.51 -17.17 2.61
CA GLU A 150 21.69 -15.96 2.69
C GLU A 150 21.05 -15.81 4.07
N SER A 151 21.02 -14.58 4.56
CA SER A 151 20.49 -14.27 5.88
C SER A 151 19.55 -13.09 5.80
N LEU A 152 18.91 -12.78 6.93
CA LEU A 152 18.06 -11.60 7.02
C LEU A 152 18.84 -10.35 6.62
N VAL A 153 20.00 -10.16 7.24
CA VAL A 153 20.81 -8.97 6.99
C VAL A 153 21.26 -8.92 5.53
N SER A 154 21.79 -10.02 5.01
CA SER A 154 22.32 -9.99 3.65
C SER A 154 21.21 -9.81 2.62
N SER A 155 20.07 -10.46 2.82
CA SER A 155 18.97 -10.31 1.88
C SER A 155 18.41 -8.89 1.90
N HIS A 156 18.26 -8.30 3.10
CA HIS A 156 17.79 -6.92 3.16
C HIS A 156 18.85 -5.94 2.66
N ASP A 157 20.13 -6.30 2.78
CA ASP A 157 21.21 -5.46 2.29
C ASP A 157 21.16 -5.30 0.78
N LYS A 158 20.70 -6.33 0.07
CA LYS A 158 20.60 -6.28 -1.38
C LYS A 158 19.40 -5.48 -1.86
N ARG A 159 18.51 -5.05 -0.95
CA ARG A 159 17.39 -4.21 -1.36
C ARG A 159 17.87 -2.80 -1.67
N LEU A 160 17.11 -2.12 -2.51
CA LEU A 160 17.52 -0.82 -3.05
C LEU A 160 16.55 0.29 -2.68
N GLY A 161 15.52 0.00 -1.89
CA GLY A 161 14.48 0.96 -1.58
C GLY A 161 14.30 1.14 -0.08
N HIS A 162 13.06 1.43 0.30
CA HIS A 162 12.76 1.78 1.69
C HIS A 162 12.91 0.61 2.63
N VAL A 163 12.73 -0.62 2.15
CA VAL A 163 12.82 -1.80 3.01
C VAL A 163 14.17 -1.86 3.70
N ARG A 164 15.24 -1.53 2.96
CA ARG A 164 16.58 -1.61 3.51
C ARG A 164 16.76 -0.64 4.68
N PHE A 165 16.39 0.64 4.48
CA PHE A 165 16.64 1.56 5.59
C PHE A 165 15.61 1.42 6.70
N ASP A 166 14.44 0.82 6.44
CA ASP A 166 13.56 0.39 7.54
C ASP A 166 14.25 -0.65 8.40
N PHE A 167 14.78 -1.69 7.76
CA PHE A 167 15.48 -2.77 8.45
C PHE A 167 16.60 -2.21 9.34
N TYR A 168 17.48 -1.41 8.75
CA TYR A 168 18.60 -0.91 9.51
C TYR A 168 18.16 0.12 10.56
N ARG A 169 17.05 0.83 10.33
CA ARG A 169 16.52 1.72 11.35
C ARG A 169 16.14 0.94 12.60
N ASN A 170 15.40 -0.16 12.42
CA ASN A 170 15.02 -0.99 13.56
C ASN A 170 16.26 -1.52 14.29
N LEU A 171 17.23 -2.04 13.53
CA LEU A 171 18.41 -2.61 14.19
C LEU A 171 19.20 -1.55 14.97
N PHE A 172 19.38 -0.36 14.37
CA PHE A 172 20.06 0.71 15.08
C PHE A 172 19.32 1.07 16.36
N LEU A 173 17.99 1.15 16.30
CA LEU A 173 17.25 1.51 17.51
C LEU A 173 17.35 0.43 18.57
N LEU A 174 17.52 -0.83 18.15
CA LEU A 174 17.83 -1.88 19.13
C LEU A 174 19.15 -1.61 19.81
N LYS A 175 20.16 -1.20 19.03
CA LYS A 175 21.44 -0.81 19.64
C LYS A 175 21.26 0.36 20.60
N GLY A 176 20.42 1.32 20.24
CA GLY A 176 20.19 2.47 21.09
C GLY A 176 21.40 3.39 21.15
N SER A 177 21.56 4.05 22.31
CA SER A 177 22.72 4.90 22.52
C SER A 177 24.02 4.13 22.32
N ASN A 178 24.00 2.81 22.54
CA ASN A 178 25.21 2.01 22.40
C ASN A 178 25.80 2.09 21.00
N ALA A 179 24.97 2.35 19.99
CA ALA A 179 25.51 2.46 18.63
C ALA A 179 26.50 3.60 18.52
N PHE A 180 26.22 4.73 19.18
CA PHE A 180 27.14 5.85 19.19
C PHE A 180 28.50 5.44 19.75
N LEU A 181 28.50 4.72 20.87
CA LEU A 181 29.77 4.32 21.48
C LEU A 181 30.45 3.22 20.67
N GLU A 182 29.67 2.38 19.98
CA GLU A 182 30.25 1.37 19.11
C GLU A 182 30.95 2.01 17.92
N ALA A 183 30.42 3.13 17.42
CA ALA A 183 31.01 3.78 16.26
C ALA A 183 32.15 4.72 16.62
N GLY A 184 32.47 4.89 17.90
CA GLY A 184 33.58 5.73 18.29
C GLY A 184 33.28 7.20 18.25
N LYS A 185 32.04 7.61 18.51
CA LYS A 185 31.66 9.01 18.44
C LYS A 185 32.07 9.71 19.73
N HIS A 186 33.08 10.55 19.64
CA HIS A 186 33.69 11.22 20.78
C HIS A 186 32.91 12.46 21.20
N GLY A 187 33.06 12.83 22.47
CA GLY A 187 32.35 13.98 23.01
C GLY A 187 30.87 13.79 23.18
N CYS A 188 30.38 12.55 23.16
CA CYS A 188 28.97 12.30 23.44
C CYS A 188 28.84 12.17 24.96
N HIS A 189 29.03 13.32 25.61
CA HIS A 189 29.25 13.27 27.05
C HIS A 189 28.06 12.68 27.80
N HIS A 190 26.83 12.92 27.35
CA HIS A 190 25.63 12.49 28.06
C HIS A 190 25.23 11.04 27.86
N LEU A 191 25.78 10.36 26.87
CA LEU A 191 25.30 9.01 26.56
C LEU A 191 25.76 7.99 27.59
N GLN A 192 24.81 7.20 28.08
CA GLN A 192 24.90 6.07 28.97
C GLN A 192 24.80 4.78 28.19
N PRO A 193 25.62 3.79 28.49
CA PRO A 193 25.39 2.45 27.92
C PRO A 193 23.98 1.99 28.25
N GLY A 194 23.33 1.35 27.28
CA GLY A 194 21.94 1.00 27.42
C GLY A 194 20.97 2.15 27.32
N GLY A 195 21.44 3.35 26.97
CA GLY A 195 20.54 4.47 26.82
C GLY A 195 19.64 4.33 25.60
N GLY A 196 18.58 5.13 25.60
CA GLY A 196 17.59 5.11 24.52
C GLY A 196 17.98 5.97 23.35
N CYS A 197 16.94 6.39 22.60
CA CYS A 197 17.10 7.08 21.33
C CYS A 197 15.76 7.52 20.78
N ILE A 198 15.72 8.68 20.13
CA ILE A 198 14.51 9.21 19.51
C ILE A 198 14.79 9.36 18.03
N TYR A 199 14.33 8.40 17.22
CA TYR A 199 14.43 8.53 15.77
C TYR A 199 13.32 9.42 15.23
N LEU A 200 13.70 10.37 14.37
CA LEU A 200 12.78 11.26 13.67
C LEU A 200 13.07 11.22 12.18
N ASP A 201 12.01 11.14 11.37
CA ASP A 201 12.12 11.46 9.95
C ASP A 201 12.68 12.88 9.78
N ALA A 202 13.52 13.06 8.76
CA ALA A 202 14.14 14.37 8.54
C ALA A 202 13.11 15.47 8.27
N ASP A 203 11.90 15.12 7.83
CA ASP A 203 10.85 16.11 7.56
C ASP A 203 10.03 16.43 8.81
N MET A 204 10.46 15.96 9.98
CA MET A 204 9.81 16.27 11.24
C MET A 204 10.43 17.57 11.77
N LEU A 205 9.78 18.69 11.50
CA LEU A 205 10.36 20.00 11.79
C LEU A 205 10.24 20.33 13.27
N LEU A 206 11.38 20.45 13.95
CA LEU A 206 11.38 20.96 15.31
C LEU A 206 11.14 22.46 15.31
N THR A 207 10.12 22.90 16.06
CA THR A 207 9.87 24.32 16.24
C THR A 207 10.23 24.80 17.64
N GLY A 208 10.80 23.93 18.46
CA GLY A 208 11.14 24.27 19.83
C GLY A 208 11.76 23.07 20.49
N LYS A 209 12.19 23.27 21.74
CA LYS A 209 12.85 22.19 22.46
C LYS A 209 11.84 21.13 22.88
N LEU A 210 12.30 19.87 22.88
CA LEU A 210 11.41 18.74 23.15
C LEU A 210 11.22 18.51 24.65
N GLY A 211 12.16 18.95 25.48
CA GLY A 211 12.06 18.68 26.89
C GLY A 211 12.11 17.19 27.17
N THR A 212 11.45 16.80 28.26
CA THR A 212 11.43 15.42 28.71
C THR A 212 10.13 14.78 28.24
N LEU A 213 10.24 13.59 27.64
CA LEU A 213 9.06 12.89 27.14
C LEU A 213 8.63 11.82 28.14
N TYR A 214 7.35 11.48 28.10
CA TYR A 214 6.80 10.44 28.96
C TYR A 214 5.97 9.49 28.10
N LEU A 215 6.47 8.28 27.90
CA LEU A 215 5.86 7.36 26.96
C LEU A 215 5.51 6.04 27.64
N PRO A 216 4.44 5.38 27.20
CA PRO A 216 4.02 4.12 27.84
C PRO A 216 5.09 3.04 27.69
N ASP A 217 5.57 2.53 28.83
CA ASP A 217 6.68 1.58 28.86
C ASP A 217 7.90 2.10 28.10
N GLY A 218 8.03 3.42 28.01
CA GLY A 218 9.19 4.01 27.40
C GLY A 218 9.30 3.88 25.90
N ILE A 219 8.18 3.73 25.19
CA ILE A 219 8.18 3.67 23.74
C ILE A 219 6.95 4.39 23.19
N ALA A 220 7.10 4.96 22.01
CA ALA A 220 6.01 5.54 21.23
C ALA A 220 6.49 5.66 19.79
N VAL A 221 5.54 5.60 18.86
CA VAL A 221 5.85 5.69 17.43
C VAL A 221 4.91 6.70 16.79
N HIS A 222 5.19 7.01 15.53
CA HIS A 222 4.35 7.96 14.82
C HIS A 222 3.02 7.32 14.51
N VAL A 223 1.97 8.13 14.45
CA VAL A 223 0.68 7.69 13.94
C VAL A 223 0.34 8.62 12.79
N SER A 224 0.35 8.08 11.58
CA SER A 224 -0.05 8.86 10.41
C SER A 224 -1.57 8.97 10.37
N ARG A 225 -2.04 10.21 10.24
CA ARG A 225 -3.46 10.50 10.07
C ARG A 225 -3.63 11.29 8.78
N LYS A 226 -3.46 10.60 7.66
CA LYS A 226 -3.60 11.18 6.33
C LYS A 226 -4.94 10.75 5.76
N GLY A 227 -5.72 11.72 5.32
CA GLY A 227 -7.07 11.44 4.87
C GLY A 227 -7.95 10.91 5.99
N ASN A 228 -8.77 9.91 5.66
CA ASN A 228 -9.78 9.40 6.59
C ASN A 228 -9.32 8.20 7.40
N SER A 229 -8.05 7.81 7.33
CA SER A 229 -7.56 6.65 8.05
C SER A 229 -6.36 7.04 8.91
N MET A 230 -6.03 6.17 9.84
CA MET A 230 -4.87 6.34 10.70
C MET A 230 -4.10 5.03 10.68
N SER A 231 -2.79 5.12 10.94
CA SER A 231 -1.96 3.93 10.88
C SER A 231 -0.72 4.14 11.72
N LEU A 232 -0.36 3.13 12.50
CA LEU A 232 0.98 3.08 13.10
C LEU A 232 2.03 3.30 12.03
N GLN A 233 3.07 4.05 12.38
CA GLN A 233 4.11 4.41 11.42
C GLN A 233 5.43 4.59 12.14
N ASN A 234 6.51 4.29 11.40
CA ASN A 234 7.87 4.33 11.91
C ASN A 234 8.59 5.64 11.61
N GLY A 235 7.87 6.66 11.11
CA GLY A 235 8.48 7.96 10.91
C GLY A 235 9.00 8.61 12.17
N ILE A 236 8.49 8.20 13.33
CA ILE A 236 9.06 8.54 14.63
C ILE A 236 9.10 7.25 15.44
N ILE A 237 10.25 6.98 16.07
CA ILE A 237 10.36 5.84 16.98
C ILE A 237 11.19 6.29 18.17
N ALA A 238 10.56 6.46 19.31
CA ALA A 238 11.24 6.87 20.53
C ALA A 238 11.27 5.72 21.52
N VAL A 239 12.47 5.41 22.02
CA VAL A 239 12.65 4.39 23.04
C VAL A 239 13.53 4.97 24.14
N ASN A 240 13.24 4.57 25.38
CA ASN A 240 13.98 5.05 26.53
C ASN A 240 15.16 4.17 26.90
N ARG A 241 15.45 3.13 26.11
CA ARG A 241 16.53 2.21 26.44
C ARG A 241 16.90 1.41 25.20
N SER A 242 18.09 0.84 25.23
CA SER A 242 18.49 -0.12 24.21
C SER A 242 17.73 -1.43 24.39
N GLU A 243 17.73 -2.24 23.33
CA GLU A 243 17.08 -3.56 23.32
C GLU A 243 15.68 -3.49 23.91
N HIS A 244 14.90 -2.51 23.46
CA HIS A 244 13.56 -2.34 23.99
C HIS A 244 12.70 -3.56 23.66
N PRO A 245 11.91 -4.06 24.62
CA PRO A 245 11.17 -5.31 24.39
C PRO A 245 10.21 -5.27 23.21
N ALA A 246 9.62 -4.11 22.90
CA ALA A 246 8.72 -4.04 21.75
C ALA A 246 9.47 -4.23 20.43
N LEU A 247 10.58 -3.52 20.26
CA LEU A 247 11.39 -3.69 19.05
C LEU A 247 12.05 -5.06 19.02
N LYS A 248 12.44 -5.56 20.20
CA LYS A 248 12.99 -6.90 20.26
C LYS A 248 11.95 -7.94 19.84
N LYS A 249 10.68 -7.69 20.16
CA LYS A 249 9.61 -8.59 19.72
C LYS A 249 9.38 -8.46 18.22
N GLY A 250 9.52 -7.25 17.66
CA GLY A 250 9.49 -7.12 16.21
C GLY A 250 10.59 -7.94 15.54
N LEU A 251 11.79 -7.91 16.10
CA LEU A 251 12.87 -8.74 15.58
C LEU A 251 12.56 -10.22 15.73
N GLU A 252 11.93 -10.60 16.85
CA GLU A 252 11.52 -11.98 17.04
C GLU A 252 10.57 -12.42 15.93
N ILE A 253 9.54 -11.62 15.67
CA ILE A 253 8.61 -11.92 14.59
C ILE A 253 9.34 -12.10 13.27
N MET A 254 10.27 -11.20 12.97
CA MET A 254 11.02 -11.32 11.72
C MET A 254 11.93 -12.55 11.71
N HIS A 255 12.36 -13.02 12.89
CA HIS A 255 13.12 -14.25 12.97
C HIS A 255 12.24 -15.48 12.79
N SER A 256 10.92 -15.34 13.00
CA SER A 256 10.01 -16.47 12.89
C SER A 256 9.21 -16.50 11.59
N LYS A 257 8.81 -15.34 11.06
CA LYS A 257 8.03 -15.34 9.83
C LYS A 257 8.96 -15.53 8.62
N PRO A 258 8.53 -16.31 7.63
CA PRO A 258 9.37 -16.49 6.42
C PRO A 258 9.63 -15.20 5.67
N TYR A 259 8.63 -14.34 5.52
CA TYR A 259 8.80 -13.13 4.73
C TYR A 259 8.50 -11.88 5.56
N GLY A 260 9.14 -11.81 6.73
CA GLY A 260 8.91 -10.67 7.61
C GLY A 260 9.29 -9.36 6.95
N ASP A 261 8.49 -8.33 7.23
CA ASP A 261 8.72 -6.98 6.76
C ASP A 261 9.22 -6.12 7.91
N PRO A 262 10.30 -5.37 7.75
CA PRO A 262 10.80 -4.54 8.86
C PRO A 262 9.76 -3.59 9.43
N TYR A 263 8.84 -3.09 8.61
CA TYR A 263 7.82 -2.16 9.08
C TYR A 263 6.59 -2.90 9.60
N ILE A 264 5.96 -3.73 8.75
CA ILE A 264 4.72 -4.37 9.14
C ILE A 264 4.92 -5.28 10.35
N ASP A 265 6.02 -6.03 10.37
CA ASP A 265 6.32 -6.96 11.45
C ASP A 265 7.30 -6.40 12.47
N GLY A 266 8.40 -5.80 12.01
CA GLY A 266 9.42 -5.33 12.92
C GLY A 266 8.97 -4.17 13.80
N VAL A 267 7.98 -3.40 13.34
CA VAL A 267 7.50 -2.26 14.11
C VAL A 267 6.06 -2.50 14.54
N CYS A 268 5.14 -2.55 13.57
CA CYS A 268 3.72 -2.70 13.90
C CYS A 268 3.46 -4.01 14.63
N GLY A 269 3.95 -5.12 14.08
CA GLY A 269 3.74 -6.41 14.72
C GLY A 269 4.33 -6.47 16.11
N GLY A 270 5.55 -5.96 16.27
CA GLY A 270 6.18 -5.98 17.59
C GLY A 270 5.42 -5.16 18.60
N LEU A 271 4.97 -3.97 18.21
CA LEU A 271 4.20 -3.13 19.12
C LEU A 271 2.90 -3.81 19.51
N ARG A 272 2.17 -4.35 18.52
CA ARG A 272 0.85 -4.90 18.82
C ARG A 272 0.96 -6.18 19.65
N HIS A 273 1.99 -7.00 19.41
CA HIS A 273 2.23 -8.15 20.26
C HIS A 273 2.58 -7.71 21.67
N TYR A 274 3.57 -6.82 21.80
CA TYR A 274 4.03 -6.41 23.12
C TYR A 274 2.91 -5.79 23.94
N PHE A 275 2.05 -5.00 23.30
CA PHE A 275 0.97 -4.31 24.00
C PHE A 275 -0.37 -5.04 23.89
N ASN A 276 -0.39 -6.22 23.27
CA ASN A 276 -1.58 -7.07 23.22
C ASN A 276 -2.72 -6.41 22.46
N CYS A 277 -2.40 -5.80 21.32
CA CYS A 277 -3.40 -5.23 20.42
C CYS A 277 -3.68 -6.26 19.34
N SER A 278 -4.59 -7.18 19.64
CA SER A 278 -4.95 -8.23 18.70
C SER A 278 -5.90 -7.68 17.64
N ILE A 279 -6.29 -8.54 16.70
CA ILE A 279 -7.26 -8.15 15.68
C ILE A 279 -8.64 -7.96 16.27
N ARG A 280 -8.86 -8.41 17.51
CA ARG A 280 -10.13 -8.22 18.20
C ARG A 280 -10.10 -7.02 19.13
N HIS A 281 -8.99 -6.31 19.19
CA HIS A 281 -8.91 -5.06 19.92
C HIS A 281 -9.20 -3.89 18.99
N ASN A 282 -9.40 -2.72 19.58
CA ASN A 282 -9.69 -1.51 18.83
C ASN A 282 -8.37 -0.89 18.36
N TYR A 283 -8.10 -1.00 17.06
CA TYR A 283 -6.85 -0.48 16.52
C TYR A 283 -6.73 1.03 16.73
N GLU A 284 -7.85 1.74 16.65
CA GLU A 284 -7.84 3.19 16.85
C GLU A 284 -7.47 3.55 18.28
N GLU A 285 -7.99 2.79 19.25
CA GLU A 285 -7.63 3.05 20.64
C GLU A 285 -6.14 2.82 20.87
N PHE A 286 -5.59 1.77 20.27
CA PHE A 286 -4.15 1.52 20.40
C PHE A 286 -3.34 2.63 19.77
N CYS A 287 -3.79 3.13 18.61
CA CYS A 287 -3.09 4.24 17.97
C CYS A 287 -3.08 5.46 18.89
N ASN A 288 -4.22 5.78 19.51
CA ASN A 288 -4.25 6.90 20.44
C ASN A 288 -3.34 6.65 21.64
N PHE A 289 -3.24 5.40 22.08
CA PHE A 289 -2.42 5.06 23.24
C PHE A 289 -0.94 5.23 22.96
N ILE A 290 -0.48 4.71 21.81
CA ILE A 290 0.95 4.66 21.52
C ILE A 290 1.46 5.87 20.73
N GLU A 291 0.57 6.78 20.33
CA GLU A 291 0.95 7.87 19.45
C GLU A 291 2.00 8.77 20.11
N PHE A 292 3.04 9.10 19.34
CA PHE A 292 4.01 10.11 19.72
C PHE A 292 3.43 11.47 19.36
N LYS A 293 3.08 12.26 20.36
CA LYS A 293 2.55 13.60 20.16
C LYS A 293 3.56 14.61 20.69
N HIS A 294 3.65 15.76 20.00
CA HIS A 294 4.48 16.85 20.49
C HIS A 294 4.09 18.13 19.78
N GLU A 295 3.85 19.19 20.57
CA GLU A 295 3.45 20.47 20.02
C GLU A 295 4.60 21.19 19.32
N HIS A 296 5.85 20.80 19.61
CA HIS A 296 7.02 21.46 19.06
C HIS A 296 7.59 20.71 17.87
N ILE A 297 6.82 19.81 17.26
CA ILE A 297 7.23 19.08 16.07
C ILE A 297 6.17 19.24 15.01
N PHE A 298 6.55 19.78 13.86
CA PHE A 298 5.67 19.86 12.69
C PHE A 298 5.90 18.58 11.89
N MET A 299 4.91 17.68 11.91
CA MET A 299 5.15 16.29 11.55
C MET A 299 4.89 16.04 10.08
N ASP A 300 5.72 15.17 9.49
CA ASP A 300 5.58 14.69 8.12
C ASP A 300 5.33 15.83 7.13
N THR A 301 6.25 16.81 7.14
CA THR A 301 6.10 17.91 6.21
C THR A 301 6.28 17.48 4.76
N SER A 302 6.80 16.27 4.51
CA SER A 302 6.91 15.77 3.14
C SER A 302 5.55 15.56 2.49
N SER A 303 4.46 15.58 3.25
CA SER A 303 3.13 15.47 2.65
C SER A 303 2.66 16.80 2.07
N LEU A 304 3.33 17.90 2.42
CA LEU A 304 3.04 19.17 1.78
C LEU A 304 3.70 19.32 0.41
N THR A 305 4.66 18.46 0.08
CA THR A 305 5.36 18.53 -1.19
C THR A 305 5.34 17.16 -1.84
N ILE A 306 6.47 16.45 -1.80
CA ILE A 306 6.59 15.12 -2.35
C ILE A 306 7.42 14.27 -1.39
N SER A 307 7.14 12.97 -1.38
CA SER A 307 7.95 12.03 -0.62
C SER A 307 9.31 11.83 -1.29
N SER A 308 10.34 11.59 -0.48
CA SER A 308 11.71 11.49 -0.99
C SER A 308 12.02 10.13 -1.60
N TRP A 309 11.17 9.13 -1.38
CA TRP A 309 11.39 7.78 -1.88
C TRP A 309 10.25 7.27 -2.76
N ARG A 310 9.09 7.93 -2.78
CA ARG A 310 7.89 7.35 -3.37
C ARG A 310 7.89 7.45 -4.89
N GLY B 3 11.30 -7.82 -18.05
CA GLY B 3 11.40 -7.98 -19.49
C GLY B 3 10.58 -6.97 -20.27
N SER B 4 10.00 -7.42 -21.37
CA SER B 4 9.19 -6.55 -22.21
C SER B 4 8.29 -7.42 -23.09
N ALA B 5 7.23 -6.80 -23.59
CA ALA B 5 6.29 -7.44 -24.49
C ALA B 5 6.05 -6.54 -25.69
N ASN B 6 5.99 -7.14 -26.87
CA ASN B 6 5.85 -6.38 -28.10
C ASN B 6 4.40 -6.37 -28.55
N PHE B 7 3.96 -5.22 -29.06
CA PHE B 7 2.69 -5.14 -29.77
C PHE B 7 2.80 -4.05 -30.83
N ALA B 8 2.38 -4.39 -32.04
CA ALA B 8 2.33 -3.44 -33.16
C ALA B 8 3.67 -2.73 -33.34
N GLY B 9 4.76 -3.48 -33.17
CA GLY B 9 6.09 -2.94 -33.37
C GLY B 9 6.62 -2.07 -32.25
N VAL B 10 5.95 -2.03 -31.10
CA VAL B 10 6.44 -1.26 -29.95
C VAL B 10 6.74 -2.24 -28.83
N GLU B 11 7.87 -2.02 -28.16
CA GLU B 11 8.27 -2.84 -27.03
C GLU B 11 7.85 -2.11 -25.76
N TYR B 12 7.09 -2.81 -24.91
CA TYR B 12 6.57 -2.25 -23.68
C TYR B 12 7.24 -2.91 -22.50
N PRO B 13 7.78 -2.13 -21.56
CA PRO B 13 8.36 -2.73 -20.35
C PRO B 13 7.29 -3.40 -19.50
N LEU B 14 7.65 -4.56 -18.94
CA LEU B 14 6.79 -5.26 -18.00
C LEU B 14 6.99 -4.68 -16.60
N LEU B 15 6.04 -3.87 -16.15
CA LEU B 15 6.10 -3.24 -14.84
C LEU B 15 5.62 -4.22 -13.77
N PRO B 16 6.23 -4.18 -12.57
CA PRO B 16 5.85 -5.13 -11.53
C PRO B 16 4.68 -4.66 -10.66
N LEU B 17 3.84 -5.63 -10.30
CA LEU B 17 2.79 -5.49 -9.29
C LEU B 17 3.16 -6.44 -8.16
N ASP B 18 3.63 -5.88 -7.04
CA ASP B 18 4.22 -6.64 -5.94
C ASP B 18 3.17 -7.47 -5.19
N GLN B 19 3.67 -8.31 -4.28
CA GLN B 19 2.80 -9.09 -3.40
C GLN B 19 1.95 -8.21 -2.50
N HIS B 20 2.29 -6.92 -2.37
CA HIS B 20 1.49 -6.01 -1.55
C HIS B 20 0.39 -5.28 -2.31
N THR B 21 0.31 -5.45 -3.63
CA THR B 21 -0.78 -4.86 -4.40
C THR B 21 -2.10 -5.48 -3.98
N PRO B 22 -3.09 -4.70 -3.56
CA PRO B 22 -4.33 -5.29 -3.04
C PRO B 22 -5.17 -5.93 -4.13
N LEU B 23 -5.88 -6.99 -3.74
CA LEU B 23 -6.91 -7.60 -4.56
C LEU B 23 -8.23 -6.87 -4.35
N LEU B 24 -9.09 -6.92 -5.36
CA LEU B 24 -10.37 -6.22 -5.29
C LEU B 24 -11.47 -7.11 -5.86
N PHE B 25 -12.48 -7.37 -5.03
CA PHE B 25 -13.71 -8.01 -5.45
C PHE B 25 -14.85 -7.00 -5.33
N GLN B 26 -15.95 -7.28 -6.03
CA GLN B 26 -17.07 -6.35 -6.08
C GLN B 26 -18.38 -7.11 -5.99
N TRP B 27 -19.27 -6.66 -5.11
CA TRP B 27 -20.64 -7.17 -5.09
C TRP B 27 -21.61 -6.01 -4.94
N PHE B 28 -22.39 -5.79 -5.99
CA PHE B 28 -23.48 -4.82 -5.97
C PHE B 28 -24.78 -5.62 -6.00
N GLU B 29 -25.58 -5.48 -4.95
CA GLU B 29 -26.75 -6.32 -4.72
C GLU B 29 -28.02 -5.54 -5.03
N ARG B 30 -28.82 -6.07 -5.97
CA ARG B 30 -30.07 -5.42 -6.35
C ARG B 30 -31.17 -5.66 -5.32
N ASN B 31 -31.23 -6.85 -4.74
CA ASN B 31 -32.30 -7.21 -3.80
C ASN B 31 -31.72 -7.88 -2.57
N PRO B 32 -31.15 -7.10 -1.65
CA PRO B 32 -30.56 -7.71 -0.44
C PRO B 32 -31.57 -8.40 0.46
N SER B 33 -32.87 -8.18 0.28
CA SER B 33 -33.85 -8.87 1.11
C SER B 33 -33.90 -10.36 0.81
N ARG B 34 -33.30 -10.79 -0.29
CA ARG B 34 -33.18 -12.22 -0.60
C ARG B 34 -32.10 -12.89 0.26
N PHE B 35 -31.51 -12.14 1.18
CA PHE B 35 -30.63 -12.67 2.21
C PHE B 35 -31.27 -12.44 3.57
N GLY B 36 -30.84 -13.24 4.54
CA GLY B 36 -31.30 -13.04 5.91
C GLY B 36 -30.92 -11.67 6.44
N GLU B 37 -31.65 -11.24 7.47
CA GLU B 37 -31.43 -9.92 8.05
C GLU B 37 -30.05 -9.80 8.68
N ASN B 38 -29.47 -10.92 9.13
CA ASN B 38 -28.14 -10.91 9.72
C ASN B 38 -27.15 -11.74 8.90
N GLN B 39 -27.43 -11.93 7.62
CA GLN B 39 -26.55 -12.65 6.71
C GLN B 39 -25.68 -11.67 5.94
N ILE B 40 -24.46 -12.09 5.62
CA ILE B 40 -23.61 -11.32 4.72
C ILE B 40 -24.30 -11.27 3.37
N PRO B 41 -24.66 -10.09 2.87
CA PRO B 41 -25.46 -9.98 1.63
C PRO B 41 -24.63 -10.10 0.36
N ILE B 42 -23.85 -11.18 0.27
CA ILE B 42 -23.09 -11.53 -0.92
C ILE B 42 -23.49 -12.95 -1.31
N ILE B 43 -23.78 -13.14 -2.61
CA ILE B 43 -24.26 -14.44 -3.08
C ILE B 43 -23.27 -15.53 -2.69
N ASN B 44 -23.82 -16.68 -2.30
CA ASN B 44 -23.00 -17.80 -1.85
C ASN B 44 -23.74 -19.11 -2.08
N THR B 45 -24.26 -19.28 -3.29
CA THR B 45 -24.92 -20.53 -3.66
C THR B 45 -23.88 -21.55 -4.14
N GLN B 46 -24.31 -22.79 -4.29
CA GLN B 46 -23.42 -23.79 -4.85
C GLN B 46 -23.03 -23.44 -6.27
N GLN B 47 -23.95 -22.81 -7.02
CA GLN B 47 -23.65 -22.40 -8.39
C GLN B 47 -22.73 -21.19 -8.42
N ASN B 48 -22.81 -20.32 -7.43
CA ASN B 48 -22.00 -19.10 -7.37
C ASN B 48 -21.53 -18.90 -5.94
N PRO B 49 -20.53 -19.67 -5.50
CA PRO B 49 -20.04 -19.59 -4.12
C PRO B 49 -19.11 -18.41 -3.89
N TYR B 50 -19.61 -17.20 -4.18
CA TYR B 50 -18.73 -16.06 -4.31
C TYR B 50 -18.19 -15.57 -2.97
N LEU B 51 -19.04 -15.58 -1.93
CA LEU B 51 -18.55 -15.27 -0.59
C LEU B 51 -17.47 -16.25 -0.15
N ASN B 52 -17.70 -17.54 -0.39
CA ASN B 52 -16.67 -18.55 -0.10
C ASN B 52 -15.42 -18.30 -0.93
N ASN B 53 -15.56 -17.95 -2.20
CA ASN B 53 -14.40 -17.69 -3.04
C ASN B 53 -13.58 -16.52 -2.50
N ILE B 54 -14.26 -15.43 -2.13
CA ILE B 54 -13.56 -14.26 -1.59
C ILE B 54 -12.83 -14.63 -0.30
N ILE B 55 -13.51 -15.35 0.59
CA ILE B 55 -12.89 -15.74 1.86
C ILE B 55 -11.69 -16.65 1.62
N ASN B 56 -11.80 -17.57 0.66
CA ASN B 56 -10.68 -18.45 0.36
C ASN B 56 -9.51 -17.69 -0.23
N ALA B 57 -9.79 -16.65 -1.03
CA ALA B 57 -8.71 -15.82 -1.55
C ALA B 57 -8.02 -15.06 -0.42
N ALA B 58 -8.79 -14.60 0.56
CA ALA B 58 -8.18 -13.92 1.70
C ALA B 58 -7.36 -14.89 2.56
N ILE B 59 -7.77 -16.15 2.63
CA ILE B 59 -7.02 -17.15 3.38
C ILE B 59 -5.72 -17.49 2.64
N ILE B 60 -5.78 -17.59 1.31
CA ILE B 60 -4.57 -17.86 0.53
C ILE B 60 -3.62 -16.66 0.56
N GLU B 61 -4.16 -15.45 0.43
CA GLU B 61 -3.34 -14.23 0.42
C GLU B 61 -3.45 -13.53 1.77
N LYS B 62 -2.89 -14.17 2.80
CA LYS B 62 -3.07 -13.68 4.16
C LYS B 62 -2.33 -12.37 4.42
N GLU B 63 -1.23 -12.11 3.72
CA GLU B 63 -0.44 -10.90 3.90
C GLU B 63 -0.65 -9.91 2.76
N ARG B 64 -1.88 -9.85 2.26
CA ARG B 64 -2.25 -8.99 1.15
C ARG B 64 -3.62 -8.41 1.48
N THR B 65 -3.77 -7.09 1.31
CA THR B 65 -5.05 -6.45 1.54
C THR B 65 -6.06 -6.92 0.49
N ILE B 66 -7.28 -7.24 0.94
CA ILE B 66 -8.35 -7.71 0.08
C ILE B 66 -9.52 -6.76 0.25
N GLY B 67 -9.78 -5.94 -0.77
CA GLY B 67 -10.89 -5.01 -0.73
C GLY B 67 -12.13 -5.65 -1.34
N VAL B 68 -13.27 -5.46 -0.67
CA VAL B 68 -14.56 -5.94 -1.14
C VAL B 68 -15.43 -4.69 -1.28
N LEU B 69 -15.62 -4.25 -2.52
CA LEU B 69 -16.45 -3.07 -2.79
C LEU B 69 -17.89 -3.54 -2.93
N VAL B 70 -18.75 -3.11 -2.01
CA VAL B 70 -20.13 -3.56 -1.96
C VAL B 70 -21.05 -2.37 -2.19
N ASP B 71 -22.25 -2.69 -2.66
CA ASP B 71 -23.28 -1.65 -2.79
C ASP B 71 -24.64 -2.30 -2.79
N GLY B 72 -25.63 -1.54 -2.34
CA GLY B 72 -27.01 -2.00 -2.25
C GLY B 72 -27.65 -1.53 -0.96
N ASN B 73 -28.98 -1.50 -0.95
CA ASN B 73 -29.75 -1.05 0.20
C ASN B 73 -29.74 -2.15 1.27
N PHE B 74 -28.62 -2.25 1.97
CA PHE B 74 -28.44 -3.29 2.97
C PHE B 74 -29.12 -2.93 4.29
N SER B 75 -29.68 -3.94 4.94
CA SER B 75 -30.25 -3.76 6.26
C SER B 75 -29.14 -3.59 7.30
N ALA B 76 -29.53 -3.07 8.47
CA ALA B 76 -28.55 -2.84 9.54
C ALA B 76 -27.83 -4.12 9.92
N GLY B 77 -28.56 -5.21 10.08
CA GLY B 77 -27.94 -6.48 10.44
C GLY B 77 -27.01 -7.01 9.37
N GLN B 78 -27.33 -6.76 8.10
CA GLN B 78 -26.44 -7.17 7.02
C GLN B 78 -25.13 -6.39 7.06
N LYS B 79 -25.19 -5.08 7.36
CA LYS B 79 -23.97 -4.30 7.53
C LYS B 79 -23.16 -4.79 8.73
N LYS B 80 -23.84 -5.17 9.82
CA LYS B 80 -23.13 -5.74 10.96
C LYS B 80 -22.46 -7.07 10.59
N ALA B 81 -23.12 -7.88 9.77
CA ALA B 81 -22.50 -9.12 9.29
C ALA B 81 -21.25 -8.82 8.47
N LEU B 82 -21.32 -7.80 7.62
CA LEU B 82 -20.15 -7.39 6.86
C LEU B 82 -19.02 -6.94 7.77
N ALA B 83 -19.35 -6.21 8.85
CA ALA B 83 -18.33 -5.75 9.79
C ALA B 83 -17.68 -6.92 10.52
N LYS B 84 -18.48 -7.91 10.91
CA LYS B 84 -17.92 -9.10 11.54
C LYS B 84 -17.03 -9.86 10.58
N LEU B 85 -17.37 -9.84 9.29
CA LEU B 85 -16.49 -10.43 8.29
C LEU B 85 -15.17 -9.67 8.21
N GLU B 86 -15.23 -8.34 8.25
CA GLU B 86 -14.01 -7.53 8.27
C GLU B 86 -13.15 -7.84 9.49
N LYS B 87 -13.79 -8.21 10.61
CA LYS B 87 -13.03 -8.47 11.83
C LYS B 87 -12.49 -9.89 11.92
N GLN B 88 -13.18 -10.88 11.35
CA GLN B 88 -12.65 -12.24 11.37
C GLN B 88 -11.46 -12.41 10.45
N TYR B 89 -11.35 -11.59 9.42
CA TYR B 89 -10.25 -11.65 8.47
C TYR B 89 -9.62 -10.26 8.41
N GLU B 90 -8.44 -10.13 9.03
CA GLU B 90 -7.79 -8.84 9.17
C GLU B 90 -7.61 -8.16 7.82
N ASN B 91 -7.18 -8.93 6.81
CA ASN B 91 -6.85 -8.37 5.51
C ASN B 91 -8.07 -8.02 4.66
N ILE B 92 -9.28 -8.41 5.08
CA ILE B 92 -10.48 -8.09 4.33
C ILE B 92 -10.98 -6.73 4.78
N LYS B 93 -11.12 -5.81 3.82
CA LYS B 93 -11.63 -4.47 4.06
C LYS B 93 -12.88 -4.29 3.21
N VAL B 94 -14.01 -4.06 3.86
CA VAL B 94 -15.28 -3.87 3.17
C VAL B 94 -15.46 -2.38 2.92
N ILE B 95 -15.57 -2.01 1.65
CA ILE B 95 -15.73 -0.61 1.25
C ILE B 95 -17.12 -0.45 0.65
N TYR B 96 -17.93 0.41 1.26
CA TYR B 96 -19.23 0.74 0.68
C TYR B 96 -19.03 1.79 -0.41
N ASN B 97 -19.54 1.50 -1.60
CA ASN B 97 -19.36 2.41 -2.73
C ASN B 97 -19.90 3.80 -2.43
N SER B 98 -20.93 3.89 -1.60
CA SER B 98 -21.52 5.18 -1.27
C SER B 98 -20.62 6.04 -0.37
N ASP B 99 -19.56 5.46 0.20
CA ASP B 99 -18.60 6.22 1.00
C ASP B 99 -17.50 6.85 0.17
N LEU B 100 -17.43 6.56 -1.12
CA LEU B 100 -16.42 7.14 -2.00
C LEU B 100 -17.02 8.27 -2.82
N ASP B 101 -16.23 9.33 -3.01
CA ASP B 101 -16.61 10.49 -3.81
C ASP B 101 -16.05 10.31 -5.22
N TYR B 102 -16.94 10.25 -6.21
CA TYR B 102 -16.55 10.07 -7.60
C TYR B 102 -16.72 11.33 -8.44
N SER B 103 -16.93 12.49 -7.80
CA SER B 103 -17.22 13.70 -8.54
C SER B 103 -16.06 14.17 -9.40
N MET B 104 -14.83 13.83 -9.02
CA MET B 104 -13.67 14.26 -9.81
C MET B 104 -13.61 13.59 -11.18
N TYR B 105 -14.37 12.51 -11.38
CA TYR B 105 -14.46 11.84 -12.67
C TYR B 105 -15.75 12.13 -13.40
N ASP B 106 -16.59 13.01 -12.87
CA ASP B 106 -17.94 13.22 -13.38
C ASP B 106 -17.97 14.26 -14.48
N LYS B 107 -19.11 14.33 -15.17
CA LYS B 107 -19.33 15.32 -16.22
C LYS B 107 -20.83 15.45 -16.46
N LYS B 108 -21.27 16.66 -16.78
CA LYS B 108 -22.68 16.94 -17.02
C LYS B 108 -23.16 16.27 -18.30
N LEU B 109 -24.33 15.62 -18.23
CA LEU B 109 -24.89 14.97 -19.40
C LEU B 109 -25.28 15.99 -20.47
N SER B 110 -25.82 17.14 -20.05
CA SER B 110 -26.18 18.18 -21.01
C SER B 110 -24.97 18.67 -21.77
N ASP B 111 -23.80 18.72 -21.12
CA ASP B 111 -22.58 19.13 -21.82
C ASP B 111 -22.18 18.11 -22.88
N ILE B 112 -22.22 16.83 -22.53
CA ILE B 112 -21.90 15.78 -23.49
C ILE B 112 -22.84 15.85 -24.69
N TYR B 113 -24.15 15.91 -24.42
CA TYR B 113 -25.13 15.96 -25.50
C TYR B 113 -24.94 17.20 -26.36
N LEU B 114 -24.74 18.37 -25.74
CA LEU B 114 -24.59 19.59 -26.50
C LEU B 114 -23.34 19.57 -27.36
N GLU B 115 -22.21 19.11 -26.81
CA GLU B 115 -21.00 19.04 -27.61
C GLU B 115 -21.16 18.10 -28.79
N ASN B 116 -21.78 16.93 -28.55
CA ASN B 116 -21.96 16.00 -29.65
C ASN B 116 -22.93 16.55 -30.69
N ILE B 117 -24.02 17.20 -30.25
CA ILE B 117 -24.99 17.75 -31.19
C ILE B 117 -24.36 18.86 -32.02
N ALA B 118 -23.59 19.73 -31.36
CA ALA B 118 -22.95 20.83 -32.07
C ALA B 118 -21.99 20.33 -33.14
N LYS B 119 -21.16 19.33 -32.80
CA LYS B 119 -20.17 18.94 -33.79
C LYS B 119 -20.70 17.92 -34.81
N ILE B 120 -21.85 17.29 -34.55
CA ILE B 120 -22.52 16.57 -35.63
C ILE B 120 -23.20 17.56 -36.57
N GLU B 121 -23.64 18.71 -36.05
CA GLU B 121 -24.14 19.75 -36.92
C GLU B 121 -23.01 20.46 -37.68
N ALA B 122 -21.78 20.36 -37.18
CA ALA B 122 -20.63 20.96 -37.85
C ALA B 122 -20.10 20.10 -38.99
N GLN B 123 -20.72 18.96 -39.26
CA GLN B 123 -20.20 18.14 -40.33
C GLN B 123 -21.18 18.11 -41.50
N PRO B 124 -20.67 18.04 -42.73
CA PRO B 124 -21.57 18.05 -43.89
C PRO B 124 -22.16 16.67 -44.21
N ALA B 125 -22.44 16.43 -45.49
CA ALA B 125 -23.10 15.21 -45.94
C ALA B 125 -24.39 14.94 -45.18
N ASP B 129 -23.88 11.47 -39.03
CA ASP B 129 -25.11 10.70 -38.80
C ASP B 129 -26.25 11.57 -38.29
N GLU B 130 -27.34 11.57 -39.05
CA GLU B 130 -28.50 12.36 -38.67
C GLU B 130 -29.36 11.64 -37.62
N TYR B 131 -29.47 10.32 -37.71
CA TYR B 131 -30.28 9.57 -36.74
C TYR B 131 -29.76 9.75 -35.31
N LEU B 132 -28.45 9.58 -35.13
CA LEU B 132 -27.87 9.76 -33.82
C LEU B 132 -28.14 11.17 -33.29
N LEU B 133 -28.07 12.17 -34.17
CA LEU B 133 -28.36 13.54 -33.76
C LEU B 133 -29.77 13.65 -33.17
N GLY B 134 -30.75 13.03 -33.81
CA GLY B 134 -32.10 13.06 -33.27
C GLY B 134 -32.19 12.38 -31.92
N GLU B 135 -31.52 11.23 -31.76
CA GLU B 135 -31.59 10.56 -30.47
C GLU B 135 -30.93 11.38 -29.38
N ILE B 136 -29.80 12.04 -29.69
CA ILE B 136 -29.13 12.88 -28.70
C ILE B 136 -29.99 14.09 -28.35
N LYS B 137 -30.69 14.67 -29.35
CA LYS B 137 -31.53 15.82 -29.04
C LYS B 137 -32.71 15.41 -28.18
N LYS B 138 -33.21 14.18 -28.35
CA LYS B 138 -34.26 13.69 -27.46
C LYS B 138 -33.72 13.46 -26.06
N SER B 139 -32.54 12.85 -25.94
CA SER B 139 -31.99 12.60 -24.61
C SER B 139 -31.73 13.91 -23.88
N LEU B 140 -31.20 14.91 -24.58
CA LEU B 140 -30.99 16.22 -23.99
C LEU B 140 -32.32 16.87 -23.61
N ASN B 141 -33.32 16.75 -24.47
CA ASN B 141 -34.64 17.28 -24.16
C ASN B 141 -35.18 16.69 -22.87
N GLU B 142 -35.23 15.35 -22.78
CA GLU B 142 -35.79 14.71 -21.60
C GLU B 142 -34.97 14.99 -20.36
N VAL B 143 -33.64 15.06 -20.51
CA VAL B 143 -32.79 15.36 -19.36
C VAL B 143 -33.06 16.78 -18.86
N LEU B 144 -33.22 17.74 -19.77
CA LEU B 144 -33.50 19.11 -19.34
C LEU B 144 -34.87 19.23 -18.70
N LYS B 145 -35.85 18.45 -19.15
CA LYS B 145 -37.14 18.53 -18.46
C LYS B 145 -37.19 17.74 -17.14
N ASN B 146 -36.37 16.71 -16.96
CA ASN B 146 -36.48 15.90 -15.74
C ASN B 146 -35.37 16.13 -14.73
N ASN B 147 -34.14 16.38 -15.16
CA ASN B 147 -33.06 16.71 -14.23
C ASN B 147 -31.94 17.40 -14.99
N PRO B 148 -31.95 18.74 -15.05
CA PRO B 148 -30.93 19.46 -15.84
C PRO B 148 -29.51 19.22 -15.38
N GLU B 149 -29.30 18.95 -14.09
CA GLU B 149 -27.98 18.75 -13.54
C GLU B 149 -27.51 17.31 -13.61
N GLU B 150 -28.26 16.45 -14.32
CA GLU B 150 -27.87 15.04 -14.46
C GLU B 150 -26.47 14.92 -15.01
N SER B 151 -25.71 13.95 -14.48
CA SER B 151 -24.33 13.74 -14.84
C SER B 151 -24.09 12.26 -15.13
N LEU B 152 -22.87 11.97 -15.60
CA LEU B 152 -22.48 10.59 -15.83
C LEU B 152 -22.64 9.74 -14.57
N VAL B 153 -22.10 10.24 -13.44
CA VAL B 153 -22.13 9.48 -12.21
C VAL B 153 -23.56 9.25 -11.74
N SER B 154 -24.38 10.31 -11.70
CA SER B 154 -25.73 10.17 -11.17
C SER B 154 -26.61 9.34 -12.11
N SER B 155 -26.45 9.53 -13.42
CA SER B 155 -27.24 8.75 -14.36
C SER B 155 -26.89 7.28 -14.29
N HIS B 156 -25.59 6.96 -14.19
CA HIS B 156 -25.22 5.56 -14.02
C HIS B 156 -25.62 5.04 -12.66
N ASP B 157 -25.69 5.91 -11.66
CA ASP B 157 -26.14 5.52 -10.33
C ASP B 157 -27.58 5.07 -10.35
N LYS B 158 -28.40 5.67 -11.21
CA LYS B 158 -29.80 5.25 -11.31
C LYS B 158 -29.99 3.96 -12.11
N ARG B 159 -28.94 3.41 -12.72
CA ARG B 159 -29.06 2.17 -13.48
C ARG B 159 -29.22 0.97 -12.55
N LEU B 160 -29.78 -0.12 -13.11
CA LEU B 160 -30.18 -1.27 -12.32
C LEU B 160 -29.45 -2.56 -12.63
N GLY B 161 -28.51 -2.57 -13.58
CA GLY B 161 -27.92 -3.82 -14.02
C GLY B 161 -26.40 -3.80 -13.97
N HIS B 162 -25.81 -4.54 -14.91
CA HIS B 162 -24.35 -4.70 -14.94
C HIS B 162 -23.64 -3.39 -15.25
N VAL B 163 -24.30 -2.50 -15.99
CA VAL B 163 -23.67 -1.24 -16.38
C VAL B 163 -23.24 -0.44 -15.16
N ARG B 164 -24.04 -0.45 -14.09
CA ARG B 164 -23.70 0.31 -12.89
C ARG B 164 -22.41 -0.20 -12.26
N PHE B 165 -22.31 -1.51 -12.02
CA PHE B 165 -21.11 -1.95 -11.33
C PHE B 165 -19.90 -1.98 -12.27
N ASP B 166 -20.10 -2.03 -13.59
CA ASP B 166 -18.99 -1.76 -14.51
C ASP B 166 -18.46 -0.35 -14.33
N PHE B 167 -19.37 0.63 -14.35
CA PHE B 167 -19.01 2.03 -14.20
C PHE B 167 -18.21 2.25 -12.92
N TYR B 168 -18.75 1.81 -11.79
CA TYR B 168 -18.05 2.06 -10.54
C TYR B 168 -16.79 1.23 -10.41
N ARG B 169 -16.72 0.06 -11.07
CA ARG B 169 -15.48 -0.70 -11.09
C ARG B 169 -14.36 0.11 -11.73
N ASN B 170 -14.63 0.69 -12.91
CA ASN B 170 -13.62 1.51 -13.58
C ASN B 170 -13.21 2.69 -12.70
N LEU B 171 -14.19 3.39 -12.13
CA LEU B 171 -13.84 4.58 -11.32
C LEU B 171 -13.00 4.21 -10.11
N PHE B 172 -13.37 3.13 -9.41
CA PHE B 172 -12.57 2.67 -8.28
C PHE B 172 -11.15 2.34 -8.71
N LEU B 173 -11.00 1.68 -9.87
CA LEU B 173 -9.65 1.33 -10.30
C LEU B 173 -8.84 2.58 -10.67
N LEU B 174 -9.52 3.64 -11.11
CA LEU B 174 -8.81 4.91 -11.29
C LEU B 174 -8.33 5.47 -9.96
N LYS B 175 -9.18 5.39 -8.92
CA LYS B 175 -8.72 5.81 -7.59
C LYS B 175 -7.53 4.98 -7.12
N GLY B 176 -7.57 3.68 -7.37
CA GLY B 176 -6.50 2.78 -6.97
C GLY B 176 -6.47 2.49 -5.48
N SER B 177 -5.27 2.19 -4.98
CA SER B 177 -5.08 1.88 -3.56
C SER B 177 -5.57 3.01 -2.66
N ASN B 178 -5.57 4.25 -3.15
CA ASN B 178 -5.97 5.38 -2.32
C ASN B 178 -7.40 5.24 -1.83
N ALA B 179 -8.24 4.48 -2.56
CA ALA B 179 -9.62 4.28 -2.15
C ALA B 179 -9.72 3.63 -0.79
N PHE B 180 -8.81 2.69 -0.48
CA PHE B 180 -8.80 2.05 0.83
C PHE B 180 -8.67 3.08 1.94
N LEU B 181 -7.77 4.06 1.77
CA LEU B 181 -7.60 5.08 2.79
C LEU B 181 -8.77 6.07 2.78
N GLU B 182 -9.35 6.33 1.60
CA GLU B 182 -10.51 7.20 1.54
C GLU B 182 -11.71 6.58 2.25
N ALA B 183 -11.77 5.25 2.28
CA ALA B 183 -12.87 4.53 2.92
C ALA B 183 -12.68 4.37 4.42
N GLY B 184 -11.58 4.89 4.97
CA GLY B 184 -11.36 4.83 6.40
C GLY B 184 -10.84 3.51 6.91
N LYS B 185 -10.09 2.77 6.09
CA LYS B 185 -9.54 1.49 6.51
C LYS B 185 -8.24 1.75 7.24
N HIS B 186 -8.23 1.52 8.55
CA HIS B 186 -7.08 1.91 9.36
C HIS B 186 -5.96 0.88 9.23
N GLY B 187 -4.73 1.35 9.40
CA GLY B 187 -3.58 0.50 9.20
C GLY B 187 -3.35 0.11 7.76
N CYS B 188 -3.95 0.82 6.80
CA CYS B 188 -3.73 0.58 5.39
C CYS B 188 -2.59 1.41 4.80
N HIS B 189 -1.99 2.31 5.58
CA HIS B 189 -0.95 3.19 5.06
C HIS B 189 0.24 2.41 4.51
N HIS B 190 0.36 1.11 4.84
CA HIS B 190 1.44 0.32 4.28
C HIS B 190 1.28 0.15 2.78
N LEU B 191 0.09 0.45 2.26
CA LEU B 191 -0.14 0.49 0.83
C LEU B 191 0.50 1.76 0.30
N GLN B 192 1.14 1.68 -0.83
CA GLN B 192 1.84 2.90 -1.19
C GLN B 192 0.89 3.88 -1.90
N PRO B 193 1.01 5.17 -1.61
CA PRO B 193 0.18 6.18 -2.28
C PRO B 193 0.31 6.10 -3.80
N GLY B 194 -0.81 6.28 -4.48
CA GLY B 194 -0.84 6.11 -5.92
C GLY B 194 -0.72 4.67 -6.37
N GLY B 195 -0.77 3.72 -5.44
CA GLY B 195 -0.59 2.33 -5.79
C GLY B 195 -1.73 1.78 -6.63
N GLY B 196 -1.44 0.64 -7.25
CA GLY B 196 -2.39 -0.02 -8.13
C GLY B 196 -3.38 -0.90 -7.40
N CYS B 197 -3.90 -1.90 -8.12
CA CYS B 197 -5.01 -2.71 -7.65
C CYS B 197 -5.25 -3.83 -8.66
N ILE B 198 -5.64 -5.01 -8.16
CA ILE B 198 -5.95 -6.16 -9.01
C ILE B 198 -7.42 -6.51 -8.78
N TYR B 199 -8.30 -6.08 -9.67
CA TYR B 199 -9.69 -6.49 -9.60
C TYR B 199 -9.85 -7.88 -10.20
N LEU B 200 -10.56 -8.74 -9.47
CA LEU B 200 -10.92 -10.08 -9.91
C LEU B 200 -12.42 -10.29 -9.73
N ASP B 201 -13.04 -10.88 -10.75
CA ASP B 201 -14.36 -11.47 -10.58
C ASP B 201 -14.31 -12.49 -9.46
N ALA B 202 -15.40 -12.57 -8.67
CA ALA B 202 -15.42 -13.51 -7.56
C ALA B 202 -15.29 -14.96 -8.01
N ASP B 203 -15.61 -15.27 -9.26
CA ASP B 203 -15.48 -16.63 -9.76
C ASP B 203 -14.09 -16.93 -10.31
N MET B 204 -13.14 -16.00 -10.14
CA MET B 204 -11.75 -16.22 -10.52
C MET B 204 -11.07 -16.89 -9.33
N LEU B 205 -11.05 -18.21 -9.37
CA LEU B 205 -10.66 -19.02 -8.21
C LEU B 205 -9.15 -19.03 -8.04
N LEU B 206 -8.68 -18.50 -6.91
CA LEU B 206 -7.27 -18.63 -6.55
C LEU B 206 -7.00 -20.06 -6.13
N THR B 207 -6.07 -20.72 -6.81
CA THR B 207 -5.61 -22.06 -6.43
C THR B 207 -4.21 -22.05 -5.85
N GLY B 208 -3.65 -20.87 -5.62
CA GLY B 208 -2.30 -20.75 -5.09
C GLY B 208 -1.97 -19.29 -4.93
N LYS B 209 -0.80 -19.04 -4.36
CA LYS B 209 -0.40 -17.65 -4.13
C LYS B 209 -0.01 -16.98 -5.45
N LEU B 210 -0.32 -15.68 -5.53
CA LEU B 210 -0.14 -14.97 -6.79
C LEU B 210 1.28 -14.49 -7.01
N GLY B 211 2.04 -14.28 -5.94
CA GLY B 211 3.37 -13.74 -6.12
C GLY B 211 3.31 -12.35 -6.74
N THR B 212 4.37 -12.01 -7.48
CA THR B 212 4.51 -10.72 -8.14
C THR B 212 4.17 -10.86 -9.62
N LEU B 213 3.36 -9.94 -10.14
CA LEU B 213 2.99 -9.96 -11.54
C LEU B 213 3.84 -8.97 -12.32
N TYR B 214 4.00 -9.23 -13.62
CA TYR B 214 4.74 -8.34 -14.51
C TYR B 214 3.89 -8.10 -15.75
N LEU B 215 3.37 -6.88 -15.87
CA LEU B 215 2.39 -6.61 -16.91
C LEU B 215 2.87 -5.46 -17.80
N PRO B 216 2.53 -5.48 -19.09
CA PRO B 216 3.01 -4.42 -20.00
C PRO B 216 2.48 -3.06 -19.58
N ASP B 217 3.40 -2.16 -19.27
CA ASP B 217 3.08 -0.84 -18.72
C ASP B 217 2.17 -0.95 -17.50
N GLY B 218 2.26 -2.07 -16.77
CA GLY B 218 1.53 -2.20 -15.53
C GLY B 218 0.04 -2.39 -15.68
N ILE B 219 -0.43 -2.94 -16.80
CA ILE B 219 -1.85 -3.21 -16.98
C ILE B 219 -2.05 -4.52 -17.72
N ALA B 220 -3.14 -5.21 -17.38
CA ALA B 220 -3.61 -6.40 -18.09
C ALA B 220 -5.06 -6.61 -17.71
N VAL B 221 -5.83 -7.19 -18.64
CA VAL B 221 -7.25 -7.45 -18.42
C VAL B 221 -7.55 -8.89 -18.82
N HIS B 222 -8.78 -9.32 -18.51
CA HIS B 222 -9.15 -10.69 -18.82
C HIS B 222 -9.36 -10.82 -20.33
N VAL B 223 -9.07 -11.99 -20.86
CA VAL B 223 -9.42 -12.33 -22.23
C VAL B 223 -10.24 -13.61 -22.20
N SER B 224 -11.51 -13.50 -22.56
CA SER B 224 -12.36 -14.68 -22.70
C SER B 224 -12.00 -15.41 -23.98
N ARG B 225 -11.79 -16.72 -23.87
CA ARG B 225 -11.47 -17.59 -25.01
C ARG B 225 -12.53 -18.68 -25.08
N LYS B 226 -13.67 -18.35 -25.66
CA LYS B 226 -14.78 -19.28 -25.82
C LYS B 226 -14.77 -19.83 -27.25
N GLY B 227 -14.70 -21.15 -27.39
CA GLY B 227 -14.63 -21.72 -28.71
C GLY B 227 -13.39 -21.20 -29.41
N ASN B 228 -13.57 -20.81 -30.67
CA ASN B 228 -12.49 -20.26 -31.46
C ASN B 228 -12.41 -18.74 -31.37
N SER B 229 -13.17 -18.11 -30.47
CA SER B 229 -13.17 -16.66 -30.41
C SER B 229 -12.70 -16.16 -29.06
N MET B 230 -12.24 -14.91 -29.06
CA MET B 230 -11.72 -14.26 -27.87
C MET B 230 -12.28 -12.85 -27.78
N SER B 231 -12.25 -12.32 -26.57
CA SER B 231 -12.79 -10.98 -26.30
C SER B 231 -12.09 -10.40 -25.10
N LEU B 232 -11.65 -9.14 -25.24
CA LEU B 232 -11.28 -8.35 -24.08
C LEU B 232 -12.42 -8.36 -23.07
N GLN B 233 -12.07 -8.44 -21.79
CA GLN B 233 -13.08 -8.52 -20.75
C GLN B 233 -12.54 -7.87 -19.49
N ASN B 234 -13.46 -7.30 -18.72
CA ASN B 234 -13.17 -6.59 -17.48
C ASN B 234 -13.34 -7.49 -16.26
N GLY B 235 -13.51 -8.80 -16.45
CA GLY B 235 -13.56 -9.71 -15.33
C GLY B 235 -12.28 -9.74 -14.52
N ILE B 236 -11.17 -9.34 -15.13
CA ILE B 236 -9.93 -9.08 -14.42
C ILE B 236 -9.39 -7.75 -14.93
N ILE B 237 -9.01 -6.86 -14.00
CA ILE B 237 -8.37 -5.60 -14.37
C ILE B 237 -7.26 -5.35 -13.36
N ALA B 238 -6.01 -5.50 -13.77
CA ALA B 238 -4.86 -5.27 -12.91
C ALA B 238 -4.12 -4.02 -13.37
N VAL B 239 -3.88 -3.10 -12.45
CA VAL B 239 -3.13 -1.89 -12.74
C VAL B 239 -2.06 -1.71 -11.67
N ASN B 240 -0.90 -1.21 -12.07
CA ASN B 240 0.21 -1.01 -11.15
C ASN B 240 0.24 0.38 -10.54
N ARG B 241 -0.75 1.21 -10.84
CA ARG B 241 -0.77 2.58 -10.35
C ARG B 241 -2.19 3.11 -10.42
N SER B 242 -2.45 4.14 -9.63
CA SER B 242 -3.71 4.86 -9.77
C SER B 242 -3.69 5.70 -11.05
N GLU B 243 -4.89 6.13 -11.46
CA GLU B 243 -5.07 6.96 -12.65
C GLU B 243 -4.28 6.42 -13.84
N HIS B 244 -4.43 5.12 -14.08
CA HIS B 244 -3.68 4.50 -15.16
C HIS B 244 -4.12 5.10 -16.49
N PRO B 245 -3.17 5.42 -17.38
CA PRO B 245 -3.54 6.13 -18.63
C PRO B 245 -4.54 5.39 -19.50
N ALA B 246 -4.53 4.05 -19.50
CA ALA B 246 -5.49 3.31 -20.30
C ALA B 246 -6.91 3.54 -19.79
N LEU B 247 -7.10 3.41 -18.47
CA LEU B 247 -8.41 3.69 -17.88
C LEU B 247 -8.77 5.16 -17.98
N LYS B 248 -7.77 6.04 -17.89
CA LYS B 248 -8.04 7.47 -18.07
C LYS B 248 -8.55 7.76 -19.47
N LYS B 249 -8.02 7.05 -20.47
CA LYS B 249 -8.51 7.21 -21.84
C LYS B 249 -9.90 6.62 -22.01
N GLY B 250 -10.18 5.51 -21.33
CA GLY B 250 -11.55 5.01 -21.32
C GLY B 250 -12.52 6.02 -20.75
N LEU B 251 -12.15 6.66 -19.64
CA LEU B 251 -12.99 7.71 -19.06
C LEU B 251 -13.11 8.89 -19.99
N GLU B 252 -12.02 9.22 -20.70
CA GLU B 252 -12.06 10.28 -21.70
C GLU B 252 -13.11 9.99 -22.78
N ILE B 253 -13.06 8.78 -23.34
CA ILE B 253 -14.05 8.36 -24.33
C ILE B 253 -15.45 8.50 -23.78
N MET B 254 -15.67 8.02 -22.54
CA MET B 254 -16.98 8.13 -21.93
C MET B 254 -17.39 9.58 -21.69
N HIS B 255 -16.41 10.47 -21.53
CA HIS B 255 -16.69 11.90 -21.45
C HIS B 255 -17.01 12.48 -22.82
N SER B 256 -16.63 11.79 -23.89
CA SER B 256 -16.83 12.29 -25.25
C SER B 256 -18.02 11.66 -25.97
N LYS B 257 -18.28 10.36 -25.76
CA LYS B 257 -19.39 9.72 -26.46
C LYS B 257 -20.71 10.04 -25.75
N PRO B 258 -21.79 10.28 -26.51
CA PRO B 258 -23.09 10.50 -25.86
C PRO B 258 -23.55 9.33 -25.03
N TYR B 259 -23.37 8.10 -25.52
CA TYR B 259 -23.83 6.92 -24.83
C TYR B 259 -22.66 5.98 -24.56
N GLY B 260 -21.58 6.52 -24.00
CA GLY B 260 -20.43 5.69 -23.72
C GLY B 260 -20.77 4.56 -22.76
N ASP B 261 -20.19 3.39 -23.01
CA ASP B 261 -20.41 2.23 -22.16
C ASP B 261 -19.19 1.99 -21.28
N PRO B 262 -19.39 1.80 -19.98
CA PRO B 262 -18.23 1.59 -19.09
C PRO B 262 -17.32 0.45 -19.50
N TYR B 263 -17.87 -0.60 -20.12
CA TYR B 263 -17.06 -1.74 -20.52
C TYR B 263 -16.47 -1.55 -21.93
N ILE B 264 -17.35 -1.40 -22.93
CA ILE B 264 -16.89 -1.30 -24.32
C ILE B 264 -16.01 -0.08 -24.52
N ASP B 265 -16.39 1.05 -23.91
CA ASP B 265 -15.62 2.28 -24.06
C ASP B 265 -14.66 2.51 -22.91
N GLY B 266 -15.13 2.36 -21.67
CA GLY B 266 -14.27 2.63 -20.52
C GLY B 266 -13.13 1.66 -20.36
N VAL B 267 -13.26 0.44 -20.89
CA VAL B 267 -12.24 -0.57 -20.75
C VAL B 267 -11.64 -0.91 -22.11
N CYS B 268 -12.45 -1.52 -22.99
CA CYS B 268 -11.94 -1.95 -24.29
C CYS B 268 -11.47 -0.77 -25.12
N GLY B 269 -12.29 0.27 -25.23
CA GLY B 269 -11.90 1.44 -25.98
C GLY B 269 -10.65 2.11 -25.43
N GLY B 270 -10.57 2.25 -24.11
CA GLY B 270 -9.40 2.88 -23.52
C GLY B 270 -8.13 2.09 -23.78
N LEU B 271 -8.20 0.76 -23.65
CA LEU B 271 -7.05 -0.08 -23.92
C LEU B 271 -6.62 0.03 -25.38
N ARG B 272 -7.59 -0.04 -26.30
CA ARG B 272 -7.24 -0.05 -27.72
C ARG B 272 -6.70 1.31 -28.18
N HIS B 273 -7.23 2.40 -27.62
CA HIS B 273 -6.65 3.71 -27.90
C HIS B 273 -5.24 3.82 -27.35
N TYR B 274 -5.07 3.53 -26.06
CA TYR B 274 -3.78 3.71 -25.40
C TYR B 274 -2.68 2.91 -26.08
N PHE B 275 -2.98 1.68 -26.49
CA PHE B 275 -1.99 0.81 -27.13
C PHE B 275 -2.08 0.84 -28.65
N ASN B 276 -2.98 1.64 -29.21
CA ASN B 276 -3.09 1.84 -30.65
C ASN B 276 -3.47 0.54 -31.37
N CYS B 277 -4.42 -0.19 -30.81
CA CYS B 277 -4.96 -1.38 -31.49
C CYS B 277 -6.21 -0.93 -32.24
N SER B 278 -5.99 -0.40 -33.44
CA SER B 278 -7.07 0.10 -34.27
C SER B 278 -7.78 -1.07 -34.95
N ILE B 279 -8.80 -0.74 -35.76
CA ILE B 279 -9.55 -1.78 -36.46
C ILE B 279 -8.73 -2.49 -37.52
N ARG B 280 -7.57 -1.95 -37.88
CA ARG B 280 -6.68 -2.59 -38.85
C ARG B 280 -5.55 -3.35 -38.19
N HIS B 281 -5.50 -3.38 -36.87
CA HIS B 281 -4.52 -4.17 -36.16
C HIS B 281 -5.06 -5.59 -35.90
N ASN B 282 -4.15 -6.47 -35.49
CA ASN B 282 -4.49 -7.86 -35.23
C ASN B 282 -5.07 -7.98 -33.83
N TYR B 283 -6.39 -8.19 -33.74
CA TYR B 283 -7.05 -8.24 -32.45
C TYR B 283 -6.54 -9.42 -31.61
N GLU B 284 -6.23 -10.55 -32.26
CA GLU B 284 -5.67 -11.67 -31.52
C GLU B 284 -4.29 -11.34 -30.97
N GLU B 285 -3.46 -10.64 -31.75
CA GLU B 285 -2.16 -10.25 -31.26
C GLU B 285 -2.29 -9.35 -30.04
N PHE B 286 -3.22 -8.40 -30.08
CA PHE B 286 -3.43 -7.53 -28.93
C PHE B 286 -3.96 -8.30 -27.73
N CYS B 287 -4.89 -9.24 -27.96
CA CYS B 287 -5.42 -10.03 -26.86
C CYS B 287 -4.31 -10.83 -26.18
N ASN B 288 -3.46 -11.48 -26.96
CA ASN B 288 -2.34 -12.21 -26.37
C ASN B 288 -1.38 -11.27 -25.66
N PHE B 289 -1.21 -10.06 -26.18
CA PHE B 289 -0.29 -9.10 -25.57
C PHE B 289 -0.81 -8.62 -24.22
N ILE B 290 -2.11 -8.29 -24.13
CA ILE B 290 -2.68 -7.67 -22.94
C ILE B 290 -3.30 -8.67 -21.97
N GLU B 291 -3.34 -9.95 -22.33
CA GLU B 291 -4.07 -10.93 -21.52
C GLU B 291 -3.45 -11.07 -20.13
N PHE B 292 -4.31 -11.08 -19.11
CA PHE B 292 -3.90 -11.40 -17.75
C PHE B 292 -3.83 -12.93 -17.63
N LYS B 293 -2.62 -13.45 -17.50
CA LYS B 293 -2.39 -14.88 -17.36
C LYS B 293 -1.89 -15.18 -15.95
N HIS B 294 -2.30 -16.34 -15.42
CA HIS B 294 -1.79 -16.79 -14.14
C HIS B 294 -2.09 -18.27 -13.96
N GLU B 295 -1.07 -19.02 -13.53
CA GLU B 295 -1.23 -20.46 -13.32
C GLU B 295 -2.03 -20.78 -12.08
N HIS B 296 -2.13 -19.85 -11.12
CA HIS B 296 -2.79 -20.10 -9.85
C HIS B 296 -4.20 -19.53 -9.80
N ILE B 297 -4.80 -19.21 -10.95
CA ILE B 297 -6.17 -18.70 -10.98
C ILE B 297 -6.98 -19.53 -11.96
N PHE B 298 -8.06 -20.13 -11.47
CA PHE B 298 -9.04 -20.84 -12.29
C PHE B 298 -10.11 -19.83 -12.70
N MET B 299 -10.13 -19.48 -13.98
CA MET B 299 -10.80 -18.26 -14.42
C MET B 299 -12.24 -18.50 -14.84
N ASP B 300 -13.09 -17.51 -14.54
CA ASP B 300 -14.49 -17.47 -14.97
C ASP B 300 -15.19 -18.80 -14.71
N THR B 301 -15.14 -19.25 -13.46
CA THR B 301 -15.80 -20.50 -13.12
C THR B 301 -17.32 -20.40 -13.16
N SER B 302 -17.88 -19.19 -13.23
CA SER B 302 -19.33 -19.08 -13.43
C SER B 302 -19.75 -19.63 -14.79
N SER B 303 -18.79 -19.87 -15.69
CA SER B 303 -19.12 -20.50 -16.96
C SER B 303 -19.31 -22.00 -16.81
N LEU B 304 -18.88 -22.57 -15.69
CA LEU B 304 -19.17 -23.96 -15.37
C LEU B 304 -20.57 -24.14 -14.82
N THR B 305 -21.22 -23.04 -14.43
CA THR B 305 -22.56 -23.10 -13.86
C THR B 305 -23.46 -22.11 -14.59
N ILE B 306 -23.74 -20.97 -13.95
CA ILE B 306 -24.57 -19.93 -14.52
C ILE B 306 -23.97 -18.57 -14.16
N SER B 307 -24.21 -17.59 -15.02
CA SER B 307 -23.79 -16.23 -14.72
C SER B 307 -24.66 -15.64 -13.61
N SER B 308 -24.03 -14.80 -12.78
CA SER B 308 -24.72 -14.23 -11.62
C SER B 308 -25.57 -13.02 -11.95
N TRP B 309 -25.46 -12.45 -13.16
CA TRP B 309 -26.25 -11.26 -13.46
C TRP B 309 -27.21 -11.43 -14.64
N ARG B 310 -27.01 -12.41 -15.51
CA ARG B 310 -27.95 -12.65 -16.60
C ARG B 310 -28.91 -13.78 -16.25
#